data_6EN7
#
_entry.id   6EN7
#
_cell.length_a   54.723
_cell.length_b   81.100
_cell.length_c   87.574
_cell.angle_alpha   90.00
_cell.angle_beta   90.00
_cell.angle_gamma   90.00
#
_symmetry.space_group_name_H-M   'P 21 21 21'
#
loop_
_entity.id
_entity.type
_entity.pdbx_description
1 polymer 'Ribosome biogenesis protein NSA1'
2 water water
#
_entity_poly.entity_id   1
_entity_poly.type   'polypeptide(L)'
_entity_poly.pdbx_seq_one_letter_code
;MRLLVSCVDSGSIKEVLCNIGTDTSVQSALQPFHVAPHLAEGLKAYVDRMWVISEDEAILARNSGVVELVKISKHLKENE
ALQVDPKGESKNEKSLSDDLPKFDISEFEITSSVSDLFDDAKLESLSSKSVKRTKLVDGFVTLCPIKKDSSNNTFVAATK
SGLLHIIKKGEDKKLIKLASLGLKAPVEFLQLYDLEDTDTDKYIFAYGGEENLIKLVEIDSSFQSLKQIWEAKNVKNDRL
DMRVPVWPMALRFLEPSPGKTEKGKLNYQFAAITRWSHLTKYSTQHGRKPFAQIDLLPNREPLSQMEVFDAKGENVVSSL
GNFQSETFNELNVITTDYKKNVFKFDGNGRMLGKVGRDDITGSSTYIHVHDGKYLLQGGLDRYVRIFDIKTNKMLVKVYV
GSRINFIVMLDDVEIEMPLSPSAKAAKGKQKRKVTELEEDADELWNKLEGKVAASKASKKSKI
;
_entity_poly.pdbx_strand_id   A
#
# COMPACT_ATOMS: atom_id res chain seq x y z
N MET A 1 3.12 -8.89 19.92
CA MET A 1 3.22 -7.81 18.95
C MET A 1 2.00 -6.89 19.03
N ARG A 2 2.13 -5.70 18.45
CA ARG A 2 1.13 -4.64 18.54
C ARG A 2 0.67 -4.25 17.15
N LEU A 3 -0.63 -4.34 16.90
CA LEU A 3 -1.19 -4.03 15.59
C LEU A 3 -2.32 -3.01 15.73
N LEU A 4 -2.48 -2.20 14.69
CA LEU A 4 -3.66 -1.36 14.50
C LEU A 4 -4.39 -1.85 13.26
N VAL A 5 -5.68 -2.11 13.39
CA VAL A 5 -6.49 -2.69 12.32
C VAL A 5 -7.62 -1.72 12.00
N SER A 6 -7.72 -1.32 10.74
CA SER A 6 -8.83 -0.48 10.29
C SER A 6 -10.06 -1.37 10.09
N CYS A 7 -11.09 -1.15 10.90
CA CYS A 7 -12.33 -1.91 10.82
C CYS A 7 -13.37 -1.02 10.14
N VAL A 8 -13.65 -1.32 8.87
CA VAL A 8 -14.50 -0.43 8.09
C VAL A 8 -15.95 -0.47 8.55
N ASP A 9 -16.38 -1.59 9.15
CA ASP A 9 -17.80 -1.74 9.51
C ASP A 9 -18.21 -0.75 10.60
N SER A 10 -17.31 -0.44 11.53
CA SER A 10 -17.54 0.60 12.52
C SER A 10 -16.80 1.89 12.19
N GLY A 11 -16.08 1.94 11.06
CA GLY A 11 -15.26 3.09 10.74
C GLY A 11 -14.25 3.42 11.81
N SER A 12 -13.65 2.40 12.41
CA SER A 12 -12.83 2.57 13.60
C SER A 12 -11.45 1.94 13.38
N ILE A 13 -10.63 2.02 14.42
CA ILE A 13 -9.32 1.38 14.45
C ILE A 13 -9.20 0.61 15.75
N LYS A 14 -8.87 -0.67 15.65
CA LYS A 14 -8.70 -1.53 16.81
C LYS A 14 -7.22 -1.79 17.05
N GLU A 15 -6.79 -1.69 18.30
CA GLU A 15 -5.45 -2.11 18.69
C GLU A 15 -5.50 -3.57 19.14
N VAL A 16 -4.65 -4.39 18.54
CA VAL A 16 -4.58 -5.81 18.85
C VAL A 16 -3.22 -6.11 19.45
N LEU A 17 -3.20 -6.78 20.61
CA LEU A 17 -1.98 -7.14 21.29
C LEU A 17 -1.99 -8.65 21.52
N CYS A 18 -1.00 -9.34 20.93
CA CYS A 18 -0.95 -10.79 21.01
C CYS A 18 0.47 -11.26 20.68
N ASN A 19 0.77 -12.47 21.10
CA ASN A 19 2.06 -13.09 20.84
C ASN A 19 1.99 -13.97 19.59
N ILE A 20 3.16 -14.34 19.09
CA ILE A 20 3.23 -15.25 17.95
C ILE A 20 2.70 -16.61 18.36
N GLY A 21 1.90 -17.22 17.48
CA GLY A 21 1.16 -18.42 17.79
C GLY A 21 -0.29 -18.18 18.15
N THR A 22 -0.75 -16.94 18.15
CA THR A 22 -2.13 -16.63 18.49
C THR A 22 -3.06 -17.02 17.34
N ASP A 23 -4.15 -17.70 17.69
CA ASP A 23 -5.16 -18.11 16.71
C ASP A 23 -6.49 -18.18 17.43
N THR A 24 -7.36 -17.19 17.20
CA THR A 24 -8.64 -17.12 17.90
C THR A 24 -9.66 -18.14 17.39
N SER A 25 -9.37 -18.83 16.30
CA SER A 25 -10.24 -19.89 15.81
C SER A 25 -9.93 -21.25 16.41
N VAL A 26 -8.80 -21.38 17.11
CA VAL A 26 -8.42 -22.61 17.80
C VAL A 26 -8.33 -22.27 19.29
N GLN A 27 -9.21 -22.88 20.09
CA GLN A 27 -9.28 -22.52 21.50
C GLN A 27 -8.07 -23.00 22.30
N SER A 28 -7.38 -24.04 21.83
CA SER A 28 -6.16 -24.50 22.49
C SER A 28 -4.96 -23.61 22.18
N ALA A 29 -5.06 -22.74 21.18
CA ALA A 29 -3.96 -21.86 20.81
C ALA A 29 -3.92 -20.64 21.73
N LEU A 30 -2.86 -19.86 21.58
CA LEU A 30 -2.74 -18.61 22.31
C LEU A 30 -3.85 -17.64 21.88
N GLN A 31 -4.33 -16.85 22.85
CA GLN A 31 -5.38 -15.88 22.65
C GLN A 31 -4.87 -14.48 22.90
N PRO A 32 -5.48 -13.46 22.30
CA PRO A 32 -4.95 -12.10 22.43
C PRO A 32 -5.04 -11.59 23.85
N PHE A 33 -4.10 -10.71 24.20
CA PHE A 33 -4.11 -10.08 25.51
C PHE A 33 -5.05 -8.89 25.57
N HIS A 34 -5.25 -8.20 24.44
CA HIS A 34 -6.00 -6.96 24.44
C HIS A 34 -6.49 -6.64 23.04
N VAL A 35 -7.78 -6.35 22.92
CA VAL A 35 -8.38 -5.80 21.71
C VAL A 35 -9.36 -4.71 22.13
N ALA A 36 -9.22 -3.52 21.54
CA ALA A 36 -10.02 -2.38 21.97
C ALA A 36 -10.29 -1.48 20.79
N PRO A 37 -11.46 -0.86 20.72
CA PRO A 37 -11.78 0.07 19.62
C PRO A 37 -11.34 1.49 19.93
N HIS A 38 -11.09 2.24 18.86
CA HIS A 38 -10.65 3.62 18.97
C HIS A 38 -11.12 4.40 17.76
N LEU A 39 -11.47 5.67 17.98
CA LEU A 39 -11.77 6.63 16.91
C LEU A 39 -12.85 6.11 15.97
N ALA A 40 -13.92 5.58 16.53
CA ALA A 40 -15.03 5.07 15.74
C ALA A 40 -15.83 6.23 15.16
N GLU A 41 -15.89 6.31 13.83
CA GLU A 41 -16.64 7.37 13.16
C GLU A 41 -17.72 6.83 12.24
N GLY A 42 -17.87 5.51 12.13
CA GLY A 42 -18.95 4.91 11.38
C GLY A 42 -18.54 4.54 9.96
N LEU A 43 -19.43 3.78 9.31
CA LEU A 43 -19.21 3.34 7.94
C LEU A 43 -19.04 4.52 6.99
N LYS A 44 -19.62 5.68 7.33
CA LYS A 44 -19.54 6.86 6.50
C LYS A 44 -18.14 7.48 6.48
N ALA A 45 -17.26 7.08 7.39
CA ALA A 45 -15.94 7.70 7.49
C ALA A 45 -14.90 6.68 7.95
N TYR A 46 -14.86 5.52 7.31
CA TYR A 46 -13.87 4.54 7.67
C TYR A 46 -12.48 4.96 7.17
N VAL A 47 -11.46 4.40 7.79
CA VAL A 47 -10.08 4.75 7.48
C VAL A 47 -9.68 4.11 6.15
N ASP A 48 -9.21 4.94 5.22
CA ASP A 48 -8.66 4.43 3.97
C ASP A 48 -7.21 4.01 4.14
N ARG A 49 -6.39 4.87 4.74
CA ARG A 49 -4.96 4.63 4.88
C ARG A 49 -4.47 5.17 6.21
N MET A 50 -3.36 4.59 6.67
CA MET A 50 -2.64 5.10 7.84
C MET A 50 -1.16 5.21 7.51
N TRP A 51 -0.48 6.11 8.22
CA TRP A 51 0.98 6.16 8.21
C TRP A 51 1.46 6.52 9.60
N VAL A 52 2.27 5.65 10.18
CA VAL A 52 2.82 5.87 11.52
C VAL A 52 4.05 6.75 11.40
N ILE A 53 3.98 7.94 12.00
CA ILE A 53 5.13 8.85 11.98
C ILE A 53 6.15 8.45 13.03
N SER A 54 5.69 8.12 14.22
CA SER A 54 6.54 7.66 15.32
C SER A 54 5.66 6.88 16.29
N GLU A 55 6.28 6.42 17.39
CA GLU A 55 5.49 5.74 18.40
C GLU A 55 4.54 6.68 19.13
N ASP A 56 4.65 8.00 18.91
CA ASP A 56 3.80 8.97 19.56
C ASP A 56 2.76 9.59 18.63
N GLU A 57 2.82 9.32 17.33
CA GLU A 57 2.02 10.10 16.39
C GLU A 57 1.79 9.31 15.10
N ALA A 58 0.60 9.47 14.53
CA ALA A 58 0.27 8.90 13.24
C ALA A 58 -0.67 9.84 12.51
N ILE A 59 -0.91 9.56 11.24
CA ILE A 59 -1.80 10.36 10.41
C ILE A 59 -2.75 9.41 9.68
N LEU A 60 -4.04 9.75 9.71
CA LEU A 60 -5.08 8.94 9.08
C LEU A 60 -5.68 9.67 7.89
N ALA A 61 -6.17 8.89 6.93
CA ALA A 61 -6.91 9.40 5.78
C ALA A 61 -8.20 8.61 5.67
N ARG A 62 -9.33 9.30 5.84
CA ARG A 62 -10.63 8.65 5.97
C ARG A 62 -11.46 8.80 4.71
N ASN A 63 -12.37 7.85 4.50
CA ASN A 63 -13.24 7.84 3.33
C ASN A 63 -14.30 8.95 3.36
N SER A 64 -14.33 9.77 4.41
CA SER A 64 -15.15 10.97 4.42
C SER A 64 -14.46 12.15 3.75
N GLY A 65 -13.27 11.94 3.18
CA GLY A 65 -12.49 13.03 2.62
C GLY A 65 -11.76 13.84 3.66
N VAL A 66 -11.32 13.22 4.76
CA VAL A 66 -10.71 13.91 5.88
C VAL A 66 -9.37 13.27 6.18
N VAL A 67 -8.36 14.10 6.42
CA VAL A 67 -7.05 13.67 6.90
C VAL A 67 -6.90 14.16 8.34
N GLU A 68 -6.49 13.26 9.23
CA GLU A 68 -6.42 13.57 10.66
C GLU A 68 -5.02 13.33 11.20
N LEU A 69 -4.59 14.20 12.11
CA LEU A 69 -3.37 14.01 12.87
C LEU A 69 -3.72 13.39 14.22
N VAL A 70 -3.03 12.31 14.58
CA VAL A 70 -3.38 11.51 15.74
C VAL A 70 -2.20 11.44 16.68
N LYS A 71 -2.45 11.74 17.96
CA LYS A 71 -1.46 11.58 19.02
C LYS A 71 -1.66 10.24 19.71
N ILE A 72 -0.59 9.45 19.82
CA ILE A 72 -0.63 8.13 20.44
C ILE A 72 0.07 8.19 21.79
N SER A 73 -0.62 7.76 22.83
CA SER A 73 -0.07 7.69 24.17
C SER A 73 -0.22 6.27 24.70
N LYS A 74 0.56 5.95 25.74
CA LYS A 74 0.58 4.61 26.32
C LYS A 74 0.11 4.67 27.77
N HIS A 75 -0.66 3.66 28.16
CA HIS A 75 -1.18 3.56 29.53
C HIS A 75 -1.05 2.12 30.01
N LEU A 76 -0.64 1.96 31.26
CA LEU A 76 -0.60 0.65 31.89
C LEU A 76 -2.02 0.12 32.07
N LYS A 77 -2.24 -1.12 31.66
CA LYS A 77 -3.58 -1.70 31.69
C LYS A 77 -3.88 -2.30 33.06
N GLU A 78 -5.09 -2.01 33.56
CA GLU A 78 -5.55 -2.55 34.83
C GLU A 78 -7.04 -2.89 34.76
N PRO A 101 1.64 -10.99 33.57
CA PRO A 101 1.12 -10.48 32.29
C PRO A 101 0.91 -8.97 32.31
N LYS A 102 1.99 -8.21 32.19
CA LYS A 102 1.95 -6.75 32.22
C LYS A 102 2.28 -6.19 30.85
N PHE A 103 1.50 -5.19 30.43
CA PHE A 103 1.73 -4.56 29.13
C PHE A 103 1.00 -3.23 29.11
N ASP A 104 1.40 -2.38 28.16
CA ASP A 104 0.78 -1.08 27.94
C ASP A 104 -0.23 -1.17 26.80
N ILE A 105 -1.24 -0.30 26.87
CA ILE A 105 -2.23 -0.17 25.80
C ILE A 105 -2.23 1.29 25.34
N SER A 106 -2.69 1.49 24.12
CA SER A 106 -2.62 2.79 23.47
C SER A 106 -3.94 3.54 23.60
N GLU A 107 -3.84 4.87 23.58
CA GLU A 107 -4.98 5.76 23.45
C GLU A 107 -4.70 6.73 22.30
N PHE A 108 -5.77 7.19 21.66
CA PHE A 108 -5.63 7.97 20.43
C PHE A 108 -6.46 9.24 20.54
N GLU A 109 -5.84 10.38 20.27
CA GLU A 109 -6.49 11.68 20.31
C GLU A 109 -6.22 12.42 19.01
N ILE A 110 -7.28 12.89 18.36
CA ILE A 110 -7.14 13.67 17.14
C ILE A 110 -6.81 15.10 17.52
N THR A 111 -5.69 15.61 16.99
CA THR A 111 -5.22 16.95 17.33
C THR A 111 -5.44 17.98 16.22
N SER A 112 -5.63 17.54 14.99
CA SER A 112 -5.78 18.46 13.85
C SER A 112 -6.33 17.66 12.67
N SER A 113 -7.00 18.35 11.76
CA SER A 113 -7.62 17.67 10.64
C SER A 113 -7.79 18.63 9.46
N VAL A 114 -7.91 18.04 8.27
CA VAL A 114 -8.20 18.76 7.03
C VAL A 114 -9.27 17.97 6.28
N SER A 115 -10.27 18.67 5.74
CA SER A 115 -11.46 18.00 5.21
C SER A 115 -11.81 18.52 3.82
N ASP A 116 -12.87 17.92 3.25
CA ASP A 116 -13.35 18.23 1.89
C ASP A 116 -12.24 18.02 0.86
N LEU A 117 -11.60 16.84 0.93
CA LEU A 117 -10.50 16.52 0.03
C LEU A 117 -10.91 15.60 -1.12
N PHE A 118 -12.21 15.31 -1.25
CA PHE A 118 -12.69 14.42 -2.29
C PHE A 118 -13.39 15.21 -3.39
N ASP A 119 -13.55 14.55 -4.55
CA ASP A 119 -14.30 15.10 -5.69
C ASP A 119 -15.07 13.93 -6.34
N ASP A 120 -16.13 13.51 -5.65
CA ASP A 120 -16.94 12.39 -6.14
C ASP A 120 -17.62 12.70 -7.48
N ALA A 121 -17.78 13.97 -7.82
CA ALA A 121 -18.48 14.33 -9.05
C ALA A 121 -17.69 13.92 -10.29
N LYS A 122 -16.36 13.96 -10.22
CA LYS A 122 -15.51 13.62 -11.36
C LYS A 122 -15.76 12.21 -11.88
N VAL A 137 -16.69 5.74 -6.65
CA VAL A 137 -16.69 6.42 -5.36
C VAL A 137 -15.27 6.75 -4.93
N ASP A 138 -15.05 8.01 -4.52
CA ASP A 138 -13.72 8.49 -4.24
C ASP A 138 -13.11 7.82 -3.01
N GLY A 139 -11.78 7.90 -2.93
CA GLY A 139 -11.05 7.31 -1.83
C GLY A 139 -9.59 7.67 -1.92
N PHE A 140 -8.89 7.49 -0.81
CA PHE A 140 -7.47 7.80 -0.73
C PHE A 140 -6.66 6.58 -1.17
N VAL A 141 -5.82 6.77 -2.19
CA VAL A 141 -4.96 5.70 -2.66
C VAL A 141 -3.54 5.80 -2.09
N THR A 142 -3.12 6.97 -1.64
CA THR A 142 -1.75 7.16 -1.17
C THR A 142 -1.76 8.10 0.04
N LEU A 143 -0.98 7.74 1.06
CA LEU A 143 -0.75 8.61 2.21
C LEU A 143 0.63 8.27 2.76
N CYS A 144 1.60 9.13 2.49
CA CYS A 144 2.99 8.85 2.81
C CYS A 144 3.75 10.16 2.88
N PRO A 145 4.91 10.18 3.55
CA PRO A 145 5.71 11.41 3.58
C PRO A 145 6.32 11.70 2.22
N ILE A 146 6.56 12.98 1.97
CA ILE A 146 7.20 13.38 0.72
C ILE A 146 8.70 13.11 0.78
N LYS A 147 9.30 13.20 1.97
CA LYS A 147 10.74 12.99 2.12
C LYS A 147 11.09 12.63 3.56
N SER A 151 12.29 15.58 9.18
CA SER A 151 12.69 16.95 8.92
C SER A 151 11.69 17.64 8.01
N ASN A 152 10.83 16.86 7.38
CA ASN A 152 9.91 17.38 6.37
C ASN A 152 8.58 17.84 6.98
N ASN A 153 7.94 16.98 7.78
CA ASN A 153 6.58 17.18 8.29
C ASN A 153 5.55 17.29 7.17
N THR A 154 5.91 16.93 5.95
CA THR A 154 5.06 17.12 4.78
C THR A 154 4.64 15.77 4.22
N PHE A 155 3.36 15.64 3.87
CA PHE A 155 2.79 14.39 3.42
C PHE A 155 1.96 14.62 2.16
N VAL A 156 1.82 13.57 1.36
CA VAL A 156 0.97 13.57 0.19
C VAL A 156 -0.26 12.71 0.48
N ALA A 157 -1.40 13.12 -0.07
CA ALA A 157 -2.64 12.36 0.05
C ALA A 157 -3.34 12.44 -1.30
N ALA A 158 -3.34 11.33 -2.04
CA ALA A 158 -3.86 11.27 -3.39
C ALA A 158 -5.20 10.56 -3.41
N THR A 159 -6.10 11.02 -4.26
CA THR A 159 -7.45 10.48 -4.37
C THR A 159 -7.65 9.78 -5.71
N LYS A 160 -8.66 8.91 -5.75
CA LYS A 160 -9.03 8.25 -7.00
C LYS A 160 -9.51 9.25 -8.03
N SER A 161 -10.03 10.40 -7.58
CA SER A 161 -10.55 11.42 -8.48
C SER A 161 -9.46 12.27 -9.12
N GLY A 162 -8.20 11.98 -8.85
CA GLY A 162 -7.11 12.74 -9.45
C GLY A 162 -6.74 14.01 -8.73
N LEU A 163 -6.84 14.03 -7.40
CA LEU A 163 -6.40 15.15 -6.59
C LEU A 163 -5.16 14.75 -5.81
N LEU A 164 -4.12 15.57 -5.88
CA LEU A 164 -2.87 15.35 -5.16
C LEU A 164 -2.74 16.44 -4.10
N HIS A 165 -3.12 16.12 -2.87
CA HIS A 165 -3.06 17.06 -1.77
C HIS A 165 -1.71 17.00 -1.09
N ILE A 166 -1.15 18.17 -0.78
CA ILE A 166 0.08 18.30 -0.01
C ILE A 166 -0.29 18.92 1.34
N ILE A 167 0.02 18.21 2.42
CA ILE A 167 -0.38 18.60 3.76
C ILE A 167 0.84 18.58 4.67
N LYS A 168 0.97 19.62 5.49
CA LYS A 168 2.15 19.81 6.33
C LYS A 168 1.74 19.99 7.78
N LYS A 169 2.51 19.40 8.70
CA LYS A 169 2.40 19.68 10.12
C LYS A 169 3.26 20.91 10.41
N GLY A 170 2.61 22.06 10.57
CA GLY A 170 3.33 23.32 10.75
C GLY A 170 3.95 23.44 12.12
N GLU A 171 4.52 24.62 12.38
CA GLU A 171 5.21 24.85 13.65
C GLU A 171 4.23 24.94 14.81
N ASP A 172 2.99 25.36 14.54
CA ASP A 172 1.94 25.33 15.55
C ASP A 172 1.43 23.93 15.82
N LYS A 173 2.07 22.93 15.21
CA LYS A 173 1.71 21.52 15.31
C LYS A 173 0.33 21.22 14.75
N LYS A 174 -0.18 22.10 13.90
CA LYS A 174 -1.45 21.89 13.22
C LYS A 174 -1.20 21.46 11.78
N LEU A 175 -2.16 20.72 11.22
CA LEU A 175 -2.12 20.36 9.81
C LEU A 175 -2.55 21.56 8.97
N ILE A 176 -1.80 21.80 7.88
CA ILE A 176 -2.14 22.86 6.93
C ILE A 176 -1.95 22.30 5.53
N LYS A 177 -2.94 22.53 4.66
CA LYS A 177 -2.86 22.07 3.29
C LYS A 177 -2.07 23.08 2.45
N LEU A 178 -0.99 22.61 1.83
CA LEU A 178 -0.15 23.49 1.03
C LEU A 178 -0.62 23.63 -0.40
N ALA A 179 -1.24 22.59 -0.97
CA ALA A 179 -1.68 22.64 -2.35
C ALA A 179 -2.62 21.49 -2.63
N SER A 180 -3.40 21.64 -3.71
CA SER A 180 -4.27 20.58 -4.23
C SER A 180 -4.09 20.57 -5.75
N LEU A 181 -3.22 19.70 -6.24
CA LEU A 181 -2.90 19.65 -7.66
C LEU A 181 -3.78 18.62 -8.37
N GLY A 182 -4.18 18.95 -9.60
CA GLY A 182 -5.09 18.10 -10.35
C GLY A 182 -4.37 17.15 -11.27
N LEU A 183 -4.78 15.89 -11.25
CA LEU A 183 -4.26 14.85 -12.13
C LEU A 183 -5.39 14.32 -13.00
N LYS A 184 -5.02 13.45 -13.94
CA LYS A 184 -6.00 12.84 -14.83
C LYS A 184 -6.67 11.65 -14.14
N ALA A 185 -7.98 11.74 -13.95
CA ALA A 185 -8.75 10.69 -13.32
C ALA A 185 -9.12 9.62 -14.34
N PRO A 186 -9.39 8.38 -13.89
CA PRO A 186 -9.35 7.90 -12.50
C PRO A 186 -7.95 7.42 -12.09
N VAL A 187 -7.68 7.41 -10.79
CA VAL A 187 -6.36 7.08 -10.26
C VAL A 187 -6.50 5.84 -9.38
N GLU A 188 -5.78 4.78 -9.73
CA GLU A 188 -5.76 3.59 -8.88
C GLU A 188 -4.60 3.62 -7.89
N PHE A 189 -3.52 4.34 -8.22
CA PHE A 189 -2.32 4.33 -7.39
C PHE A 189 -1.52 5.59 -7.67
N LEU A 190 -0.71 5.96 -6.69
CA LEU A 190 0.27 7.04 -6.87
C LEU A 190 1.50 6.66 -6.06
N GLN A 191 2.60 6.41 -6.74
CA GLN A 191 3.82 5.90 -6.10
C GLN A 191 4.93 6.93 -6.24
N LEU A 192 5.42 7.41 -5.10
CA LEU A 192 6.56 8.32 -5.08
C LEU A 192 7.85 7.55 -5.35
N TYR A 193 8.82 8.26 -5.95
CA TYR A 193 10.14 7.71 -6.20
C TYR A 193 11.10 8.19 -5.12
N ASP A 194 11.65 7.29 -4.38
CA ASP A 194 12.55 7.61 -3.29
C ASP A 194 13.87 6.89 -3.39
N LEU A 195 14.23 6.41 -4.53
CA LEU A 195 15.47 5.71 -4.53
C LEU A 195 16.67 6.36 -5.18
N GLU A 196 16.80 7.66 -5.41
CA GLU A 196 17.88 8.10 -6.36
C GLU A 196 19.30 7.66 -6.23
N ASP A 197 19.83 7.28 -7.40
CA ASP A 197 21.11 6.69 -7.65
C ASP A 197 22.28 7.58 -8.17
N TYR A 203 10.65 16.30 -6.97
CA TYR A 203 10.05 15.01 -6.62
C TYR A 203 9.40 14.36 -7.83
N ILE A 204 9.54 13.04 -7.92
CA ILE A 204 9.05 12.25 -9.05
C ILE A 204 8.07 11.21 -8.52
N PHE A 205 6.97 11.02 -9.24
CA PHE A 205 6.02 9.97 -8.89
C PHE A 205 5.34 9.46 -10.14
N ALA A 206 4.77 8.26 -10.01
CA ALA A 206 4.01 7.61 -11.08
C ALA A 206 2.57 7.41 -10.63
N TYR A 207 1.65 7.47 -11.59
CA TYR A 207 0.25 7.22 -11.31
C TYR A 207 -0.44 6.69 -12.56
N GLY A 208 -1.61 6.09 -12.34
CA GLY A 208 -2.36 5.52 -13.45
C GLY A 208 -3.68 4.96 -12.94
N GLY A 209 -4.48 4.49 -13.89
CA GLY A 209 -5.78 3.97 -13.56
C GLY A 209 -6.44 3.29 -14.74
N GLU A 210 -7.76 3.11 -14.63
CA GLU A 210 -8.52 2.42 -15.67
C GLU A 210 -8.43 3.16 -16.99
N GLU A 211 -7.89 2.48 -18.01
CA GLU A 211 -7.61 3.07 -19.31
C GLU A 211 -6.92 4.43 -19.16
N ASN A 212 -6.01 4.51 -18.19
CA ASN A 212 -5.26 5.72 -17.87
C ASN A 212 -3.80 5.29 -17.79
N LEU A 213 -3.08 5.44 -18.91
CA LEU A 213 -1.73 4.92 -19.02
C LEU A 213 -0.83 5.48 -17.92
N ILE A 214 0.16 4.68 -17.54
CA ILE A 214 1.08 5.08 -16.48
C ILE A 214 1.82 6.34 -16.90
N LYS A 215 1.90 7.31 -15.99
CA LYS A 215 2.54 8.59 -16.25
C LYS A 215 3.55 8.89 -15.16
N LEU A 216 4.71 9.40 -15.56
CA LEU A 216 5.71 9.92 -14.63
C LEU A 216 5.53 11.43 -14.54
N VAL A 217 5.52 11.95 -13.33
CA VAL A 217 5.24 13.37 -13.09
C VAL A 217 6.33 13.95 -12.21
N GLU A 218 6.75 15.17 -12.54
CA GLU A 218 7.70 15.95 -11.76
C GLU A 218 6.96 17.09 -11.09
N ILE A 219 7.03 17.16 -9.76
CA ILE A 219 6.39 18.22 -8.99
C ILE A 219 7.47 19.08 -8.34
N ASP A 220 7.30 20.40 -8.44
CA ASP A 220 8.24 21.33 -7.85
C ASP A 220 8.20 21.24 -6.32
N SER A 221 9.34 21.57 -5.69
CA SER A 221 9.43 21.52 -4.23
C SER A 221 8.52 22.55 -3.55
N SER A 222 8.00 23.53 -4.31
CA SER A 222 6.97 24.41 -3.77
C SER A 222 5.62 23.71 -3.67
N PHE A 223 5.46 22.59 -4.37
CA PHE A 223 4.23 21.82 -4.47
C PHE A 223 3.11 22.58 -5.17
N GLN A 224 3.41 23.70 -5.82
CA GLN A 224 2.41 24.52 -6.50
C GLN A 224 2.29 24.19 -7.98
N SER A 225 3.13 23.31 -8.51
CA SER A 225 3.15 23.05 -9.94
C SER A 225 3.69 21.65 -10.19
N LEU A 226 3.19 21.03 -11.25
CA LEU A 226 3.68 19.72 -11.68
C LEU A 226 3.77 19.70 -13.20
N LYS A 227 4.61 18.80 -13.71
CA LYS A 227 4.82 18.64 -15.14
C LYS A 227 4.93 17.17 -15.48
N GLN A 228 4.12 16.71 -16.43
CA GLN A 228 4.21 15.36 -16.91
C GLN A 228 5.45 15.19 -17.77
N ILE A 229 6.27 14.18 -17.46
CA ILE A 229 7.54 13.99 -18.13
C ILE A 229 7.60 12.68 -18.92
N TRP A 230 6.58 11.82 -18.83
CA TRP A 230 6.63 10.52 -19.47
C TRP A 230 5.25 9.89 -19.39
N GLU A 231 4.82 9.27 -20.48
CA GLU A 231 3.57 8.51 -20.51
C GLU A 231 3.80 7.19 -21.22
N ALA A 232 3.32 6.11 -20.62
CA ALA A 232 3.49 4.78 -21.20
C ALA A 232 2.64 4.64 -22.45
N LYS A 233 3.02 3.67 -23.29
CA LYS A 233 2.25 3.26 -24.44
C LYS A 233 1.70 1.85 -24.21
N ASN A 234 0.58 1.55 -24.85
CA ASN A 234 0.02 0.20 -24.79
C ASN A 234 0.82 -0.74 -25.68
N VAL A 235 0.71 -2.03 -25.38
CA VAL A 235 1.40 -3.05 -26.18
C VAL A 235 0.60 -3.33 -27.44
N LYS A 236 1.19 -4.12 -28.34
CA LYS A 236 0.54 -4.48 -29.59
C LYS A 236 -0.71 -5.31 -29.34
N ASN A 237 -1.52 -5.45 -30.39
CA ASN A 237 -2.68 -6.32 -30.31
C ASN A 237 -2.24 -7.77 -30.11
N ASP A 238 -3.12 -8.56 -29.50
CA ASP A 238 -2.77 -9.91 -29.09
C ASP A 238 -2.77 -10.86 -30.30
N ARG A 239 -2.75 -12.16 -30.02
CA ARG A 239 -2.73 -13.17 -31.08
C ARG A 239 -3.98 -13.10 -31.95
N LEU A 240 -5.09 -12.61 -31.39
CA LEU A 240 -6.34 -12.47 -32.12
C LEU A 240 -6.53 -11.05 -32.66
N ASP A 241 -5.45 -10.27 -32.71
CA ASP A 241 -5.46 -8.91 -33.25
C ASP A 241 -6.48 -8.03 -32.52
N MET A 242 -6.61 -8.24 -31.21
CA MET A 242 -7.49 -7.46 -30.36
C MET A 242 -6.67 -6.53 -29.48
N ARG A 243 -7.20 -5.34 -29.23
CA ARG A 243 -6.51 -4.38 -28.38
C ARG A 243 -6.43 -4.91 -26.95
N VAL A 244 -5.26 -4.76 -26.34
CA VAL A 244 -5.02 -5.21 -24.97
C VAL A 244 -5.47 -4.10 -24.03
N PRO A 245 -6.46 -4.33 -23.17
CA PRO A 245 -6.96 -3.26 -22.29
C PRO A 245 -5.89 -2.79 -21.32
N VAL A 246 -6.07 -1.57 -20.83
CA VAL A 246 -5.12 -0.90 -19.96
C VAL A 246 -5.81 -0.63 -18.62
N TRP A 247 -5.22 -1.14 -17.54
CA TRP A 247 -5.74 -0.90 -16.20
C TRP A 247 -4.67 -1.17 -15.15
N PRO A 248 -3.65 -0.33 -15.05
CA PRO A 248 -2.63 -0.52 -14.00
C PRO A 248 -3.22 -0.27 -12.63
N MET A 249 -2.90 -1.16 -11.69
CA MET A 249 -3.46 -1.11 -10.34
C MET A 249 -2.43 -0.78 -9.27
N ALA A 250 -1.16 -1.12 -9.47
CA ALA A 250 -0.12 -0.83 -8.49
C ALA A 250 1.22 -0.82 -9.19
N LEU A 251 2.17 -0.08 -8.63
CA LEU A 251 3.47 0.10 -9.24
C LEU A 251 4.54 0.17 -8.17
N ARG A 252 5.71 -0.38 -8.48
CA ARG A 252 6.88 -0.29 -7.61
C ARG A 252 8.11 0.02 -8.47
N PHE A 253 8.90 0.99 -8.03
CA PHE A 253 10.09 1.38 -8.76
C PHE A 253 11.25 0.44 -8.47
N LEU A 254 12.14 0.33 -9.45
CA LEU A 254 13.46 -0.25 -9.26
C LEU A 254 14.51 0.85 -9.46
N GLU A 255 15.75 0.52 -9.10
CA GLU A 255 16.84 1.46 -9.31
C GLU A 255 17.09 1.65 -10.80
N PRO A 256 17.72 2.76 -11.19
CA PRO A 256 17.96 3.01 -12.61
C PRO A 256 18.72 1.88 -13.30
N SER A 257 18.53 1.79 -14.61
CA SER A 257 19.21 0.77 -15.39
C SER A 257 20.71 1.02 -15.39
N PRO A 258 21.52 -0.03 -15.29
CA PRO A 258 22.97 0.15 -15.19
C PRO A 258 23.61 0.30 -16.57
N GLY A 259 24.93 0.50 -16.56
CA GLY A 259 25.66 0.71 -17.78
C GLY A 259 25.60 2.15 -18.29
N LYS A 260 26.01 2.30 -19.53
CA LYS A 260 25.95 3.62 -20.16
C LYS A 260 24.54 3.90 -20.65
N THR A 261 24.10 5.13 -20.45
CA THR A 261 22.73 5.51 -20.70
C THR A 261 22.66 6.58 -21.79
N GLU A 262 21.58 6.57 -22.56
CA GLU A 262 21.45 7.51 -23.67
C GLU A 262 21.00 8.87 -23.18
N LYS A 263 21.60 9.92 -23.76
CA LYS A 263 21.07 11.26 -23.57
C LYS A 263 19.74 11.38 -24.27
N GLY A 264 18.86 12.21 -23.70
CA GLY A 264 17.56 12.46 -24.28
C GLY A 264 16.44 11.56 -23.76
N LYS A 265 16.78 10.53 -23.00
CA LYS A 265 15.79 9.67 -22.36
C LYS A 265 16.05 9.62 -20.86
N LEU A 266 14.97 9.54 -20.09
CA LEU A 266 15.12 9.30 -18.67
C LEU A 266 15.62 7.88 -18.42
N ASN A 267 16.03 7.61 -17.19
CA ASN A 267 16.42 6.26 -16.77
C ASN A 267 15.65 5.93 -15.50
N TYR A 268 14.43 5.42 -15.65
CA TYR A 268 13.64 4.91 -14.55
C TYR A 268 13.18 3.50 -14.87
N GLN A 269 13.22 2.62 -13.89
CA GLN A 269 12.74 1.27 -14.02
C GLN A 269 11.60 1.04 -13.02
N PHE A 270 10.54 0.38 -13.47
CA PHE A 270 9.43 0.10 -12.58
C PHE A 270 8.62 -1.07 -13.15
N ALA A 271 7.91 -1.74 -12.27
CA ALA A 271 7.02 -2.83 -12.62
C ALA A 271 5.63 -2.54 -12.07
N ALA A 272 4.61 -3.03 -12.75
CA ALA A 272 3.23 -2.74 -12.37
C ALA A 272 2.37 -3.99 -12.50
N ILE A 273 1.38 -4.09 -11.62
CA ILE A 273 0.34 -5.11 -11.69
C ILE A 273 -0.93 -4.44 -12.24
N THR A 274 -1.55 -5.13 -13.14
CA THR A 274 -2.76 -4.68 -13.76
C THR A 274 -3.97 -5.46 -13.36
N ARG A 275 -5.09 -4.87 -13.65
CA ARG A 275 -6.38 -5.39 -13.39
C ARG A 275 -6.79 -6.48 -14.38
N TRP A 276 -5.97 -6.71 -15.37
CA TRP A 276 -6.16 -7.77 -16.35
C TRP A 276 -5.11 -8.86 -16.20
N SER A 277 -4.57 -9.00 -14.99
CA SER A 277 -3.64 -10.08 -14.61
C SER A 277 -2.29 -9.97 -15.30
N HIS A 278 -1.84 -8.75 -15.59
CA HIS A 278 -0.54 -8.53 -16.21
C HIS A 278 0.49 -8.16 -15.17
N LEU A 279 1.72 -8.62 -15.40
CA LEU A 279 2.90 -8.06 -14.77
C LEU A 279 3.65 -7.31 -15.87
N THR A 280 3.69 -5.98 -15.76
CA THR A 280 4.28 -5.12 -16.78
C THR A 280 5.59 -4.56 -16.25
N LYS A 281 6.65 -4.69 -17.05
CA LYS A 281 7.98 -4.23 -16.67
C LYS A 281 8.42 -3.13 -17.62
N TYR A 282 8.87 -2.01 -17.06
CA TYR A 282 9.21 -0.83 -17.84
C TYR A 282 10.65 -0.43 -17.61
N SER A 283 11.25 0.15 -18.65
CA SER A 283 12.55 0.81 -18.54
C SER A 283 12.52 1.97 -19.52
N THR A 284 12.53 3.20 -19.00
CA THR A 284 12.41 4.37 -19.87
C THR A 284 13.56 4.50 -20.85
N GLN A 285 14.71 3.91 -20.55
CA GLN A 285 15.81 3.89 -21.53
C GLN A 285 15.44 3.06 -22.75
N HIS A 286 14.54 2.09 -22.59
CA HIS A 286 14.11 1.27 -23.72
C HIS A 286 12.99 1.95 -24.50
N GLY A 287 12.13 2.69 -23.82
CA GLY A 287 11.07 3.42 -24.48
C GLY A 287 9.88 3.59 -23.56
N ARG A 288 8.74 3.92 -24.17
CA ARG A 288 7.50 4.14 -23.44
C ARG A 288 6.63 2.89 -23.36
N LYS A 289 6.73 2.00 -24.36
CA LYS A 289 6.12 0.70 -24.23
C LYS A 289 6.89 -0.13 -23.20
N PRO A 290 6.20 -1.01 -22.48
CA PRO A 290 6.92 -1.93 -21.58
C PRO A 290 7.73 -2.92 -22.40
N PHE A 291 8.91 -3.26 -21.88
CA PHE A 291 9.72 -4.27 -22.57
C PHE A 291 9.24 -5.68 -22.28
N ALA A 292 8.24 -5.85 -21.42
CA ALA A 292 7.66 -7.16 -21.14
C ALA A 292 6.31 -6.96 -20.46
N GLN A 293 5.30 -7.66 -20.95
CA GLN A 293 3.97 -7.71 -20.34
C GLN A 293 3.55 -9.17 -20.26
N ILE A 294 3.42 -9.68 -19.04
CA ILE A 294 3.30 -11.12 -18.79
C ILE A 294 1.93 -11.41 -18.18
N ASP A 295 1.22 -12.36 -18.77
CA ASP A 295 -0.04 -12.83 -18.20
C ASP A 295 0.24 -13.71 -17.00
N LEU A 296 -0.24 -13.30 -15.83
CA LEU A 296 0.04 -14.01 -14.59
C LEU A 296 -0.90 -15.17 -14.33
N LEU A 297 -2.20 -14.97 -14.59
CA LEU A 297 -3.22 -15.97 -14.35
C LEU A 297 -4.07 -16.13 -15.60
N PRO A 298 -4.70 -17.29 -15.78
CA PRO A 298 -5.54 -17.50 -16.97
C PRO A 298 -6.79 -16.64 -16.95
N ASN A 299 -7.33 -16.41 -18.14
CA ASN A 299 -8.62 -15.73 -18.33
C ASN A 299 -8.62 -14.31 -17.76
N ARG A 300 -7.45 -13.69 -17.69
CA ARG A 300 -7.31 -12.29 -17.27
C ARG A 300 -7.95 -12.06 -15.90
N GLU A 301 -7.65 -12.95 -14.97
CA GLU A 301 -8.19 -12.88 -13.61
C GLU A 301 -7.79 -11.55 -12.96
N PRO A 302 -8.75 -10.71 -12.58
CA PRO A 302 -8.40 -9.37 -12.08
C PRO A 302 -7.55 -9.44 -10.82
N LEU A 303 -6.59 -8.53 -10.74
CA LEU A 303 -5.66 -8.46 -9.62
C LEU A 303 -5.58 -7.03 -9.09
N SER A 304 -5.16 -6.90 -7.88
CA SER A 304 -4.88 -5.63 -7.24
C SER A 304 -3.77 -5.83 -6.23
N GLN A 305 -3.02 -4.79 -5.93
CA GLN A 305 -1.92 -4.74 -4.94
C GLN A 305 -0.59 -5.30 -5.50
N MET A 306 0.51 -4.80 -5.02
CA MET A 306 1.83 -5.23 -5.39
C MET A 306 2.84 -5.01 -4.23
N GLU A 307 3.26 -6.07 -3.54
CA GLU A 307 4.20 -5.94 -2.43
C GLU A 307 5.50 -6.65 -2.79
N VAL A 308 6.60 -5.88 -2.85
CA VAL A 308 7.91 -6.46 -3.10
C VAL A 308 8.34 -7.27 -1.88
N PHE A 309 8.99 -8.41 -2.11
CA PHE A 309 9.49 -9.22 -1.02
C PHE A 309 10.72 -10.01 -1.45
N ASP A 310 11.56 -10.34 -0.48
CA ASP A 310 12.71 -11.20 -0.67
C ASP A 310 12.39 -12.58 -0.12
N ALA A 311 12.87 -13.62 -0.81
CA ALA A 311 12.42 -14.98 -0.51
C ALA A 311 12.85 -15.44 0.88
N LYS A 312 13.93 -14.87 1.42
CA LYS A 312 14.41 -15.22 2.75
C LYS A 312 14.02 -14.17 3.80
N GLY A 313 13.08 -13.29 3.48
CA GLY A 313 12.60 -12.33 4.45
C GLY A 313 13.48 -11.14 4.69
N GLU A 314 14.44 -10.87 3.80
CA GLU A 314 15.32 -9.72 3.97
C GLU A 314 14.63 -8.43 3.56
N ASN A 315 15.01 -7.34 4.21
CA ASN A 315 14.44 -6.01 3.94
C ASN A 315 15.23 -5.40 2.79
N VAL A 316 14.67 -5.47 1.58
CA VAL A 316 15.33 -4.98 0.38
C VAL A 316 14.53 -3.86 -0.28
N VAL A 317 13.68 -3.17 0.47
CA VAL A 317 12.82 -2.14 -0.08
C VAL A 317 13.07 -0.83 0.65
N SER A 318 12.69 0.27 0.00
CA SER A 318 12.78 1.59 0.59
C SER A 318 11.61 1.82 1.53
N SER A 319 11.57 3.00 2.14
CA SER A 319 10.50 3.34 3.08
C SER A 319 9.13 3.35 2.40
N LEU A 320 9.10 3.59 1.10
CA LEU A 320 7.85 3.62 0.34
C LEU A 320 7.60 2.33 -0.43
N GLY A 321 8.39 1.29 -0.19
CA GLY A 321 8.16 -0.01 -0.80
C GLY A 321 8.81 -0.24 -2.14
N ASN A 322 9.68 0.66 -2.60
CA ASN A 322 10.35 0.49 -3.87
C ASN A 322 11.53 -0.46 -3.74
N PHE A 323 11.75 -1.25 -4.79
CA PHE A 323 12.76 -2.31 -4.77
C PHE A 323 14.14 -1.70 -4.95
N GLN A 324 15.00 -1.87 -3.93
CA GLN A 324 16.35 -1.31 -3.95
C GLN A 324 17.29 -2.24 -4.72
N SER A 325 17.04 -2.35 -6.02
CA SER A 325 17.83 -3.17 -6.92
C SER A 325 17.59 -2.71 -8.34
N GLU A 326 18.57 -2.98 -9.20
CA GLU A 326 18.51 -2.55 -10.60
C GLU A 326 18.16 -3.70 -11.55
N THR A 327 18.02 -4.92 -11.05
CA THR A 327 17.77 -6.09 -11.88
C THR A 327 16.40 -6.66 -11.59
N PHE A 328 15.60 -6.82 -12.64
CA PHE A 328 14.26 -7.40 -12.49
C PHE A 328 14.31 -8.87 -12.11
N ASN A 329 15.43 -9.57 -12.37
CA ASN A 329 15.52 -10.99 -12.09
C ASN A 329 15.47 -11.29 -10.60
N GLU A 330 15.75 -10.31 -9.75
CA GLU A 330 15.65 -10.49 -8.31
C GLU A 330 14.31 -10.06 -7.74
N LEU A 331 13.40 -9.54 -8.58
CA LEU A 331 12.14 -9.01 -8.09
C LEU A 331 11.15 -10.13 -7.82
N ASN A 332 10.55 -10.10 -6.63
CA ASN A 332 9.42 -10.94 -6.29
C ASN A 332 8.32 -10.06 -5.69
N VAL A 333 7.07 -10.35 -6.04
CA VAL A 333 5.95 -9.54 -5.61
C VAL A 333 4.85 -10.42 -5.05
N ILE A 334 4.03 -9.82 -4.19
CA ILE A 334 2.81 -10.45 -3.67
C ILE A 334 1.62 -9.65 -4.16
N THR A 335 0.56 -10.35 -4.58
CA THR A 335 -0.62 -9.71 -5.12
C THR A 335 -1.84 -10.53 -4.75
N THR A 336 -3.02 -9.98 -5.03
CA THR A 336 -4.28 -10.59 -4.63
C THR A 336 -5.28 -10.52 -5.77
N ASP A 337 -6.19 -11.50 -5.82
CA ASP A 337 -7.34 -11.44 -6.69
C ASP A 337 -8.54 -10.95 -5.88
N TYR A 338 -9.72 -10.94 -6.51
CA TYR A 338 -10.93 -10.50 -5.86
C TYR A 338 -11.79 -11.66 -5.38
N LYS A 339 -11.18 -12.79 -5.16
CA LYS A 339 -11.82 -13.98 -4.67
C LYS A 339 -11.43 -14.29 -3.25
N LYS A 340 -10.31 -14.95 -3.05
CA LYS A 340 -9.80 -15.23 -1.75
C LYS A 340 -8.33 -15.49 -1.79
N ASN A 341 -7.68 -15.43 -2.91
CA ASN A 341 -6.27 -15.78 -2.98
C ASN A 341 -5.19 -14.75 -2.85
N VAL A 342 -4.08 -15.18 -2.26
CA VAL A 342 -2.91 -14.30 -2.18
C VAL A 342 -1.78 -14.97 -2.92
N PHE A 343 -1.33 -14.35 -4.01
CA PHE A 343 -0.36 -14.94 -4.91
C PHE A 343 1.02 -14.32 -4.72
N LYS A 344 2.05 -15.12 -4.98
CA LYS A 344 3.42 -14.65 -5.02
C LYS A 344 4.03 -15.03 -6.37
N PHE A 345 4.68 -14.06 -7.01
CA PHE A 345 5.27 -14.24 -8.32
C PHE A 345 6.72 -13.76 -8.32
N ASP A 346 7.52 -14.31 -9.23
CA ASP A 346 8.85 -13.77 -9.45
C ASP A 346 8.82 -12.76 -10.60
N GLY A 347 9.99 -12.20 -10.91
CA GLY A 347 10.06 -11.18 -11.95
C GLY A 347 9.67 -11.66 -13.33
N ASN A 348 9.72 -12.97 -13.57
CA ASN A 348 9.35 -13.54 -14.86
C ASN A 348 7.90 -14.03 -14.90
N GLY A 349 7.14 -13.83 -13.83
CA GLY A 349 5.75 -14.24 -13.80
C GLY A 349 5.49 -15.64 -13.30
N ARG A 350 6.51 -16.35 -12.83
CA ARG A 350 6.29 -17.69 -12.30
C ARG A 350 5.63 -17.61 -10.94
N MET A 351 4.56 -18.38 -10.75
CA MET A 351 3.86 -18.39 -9.47
C MET A 351 4.69 -19.15 -8.45
N LEU A 352 5.04 -18.47 -7.36
CA LEU A 352 5.92 -19.01 -6.33
C LEU A 352 5.17 -19.64 -5.17
N GLY A 353 3.85 -19.71 -5.24
CA GLY A 353 3.09 -20.32 -4.16
C GLY A 353 2.15 -19.35 -3.48
N LYS A 354 1.10 -19.88 -2.87
CA LYS A 354 0.05 -19.07 -2.27
C LYS A 354 0.26 -18.93 -0.77
N VAL A 355 -0.35 -17.89 -0.21
CA VAL A 355 -0.26 -17.58 1.21
C VAL A 355 -1.63 -17.82 1.84
N GLY A 356 -1.66 -18.62 2.89
CA GLY A 356 -2.92 -18.91 3.57
C GLY A 356 -3.97 -19.50 2.68
N ARG A 357 -3.59 -20.45 1.82
CA ARG A 357 -4.53 -21.01 0.85
C ARG A 357 -5.73 -21.66 1.53
N ASP A 358 -5.48 -22.44 2.58
CA ASP A 358 -6.54 -23.17 3.25
C ASP A 358 -7.23 -22.38 4.35
N ASP A 359 -6.71 -21.20 4.72
CA ASP A 359 -7.28 -20.41 5.80
C ASP A 359 -8.05 -19.19 5.33
N ILE A 360 -7.55 -18.47 4.33
CA ILE A 360 -8.22 -17.27 3.84
C ILE A 360 -9.40 -17.69 2.98
N THR A 361 -10.60 -17.24 3.36
CA THR A 361 -11.81 -17.56 2.62
C THR A 361 -12.47 -16.35 1.98
N GLY A 362 -11.95 -15.14 2.22
CA GLY A 362 -12.49 -13.93 1.64
C GLY A 362 -11.41 -13.17 0.88
N SER A 363 -11.86 -12.23 0.06
CA SER A 363 -10.95 -11.40 -0.72
C SER A 363 -10.02 -10.63 0.21
N SER A 364 -8.72 -10.71 -0.08
CA SER A 364 -7.69 -10.11 0.77
C SER A 364 -7.56 -8.63 0.40
N THR A 365 -8.40 -7.80 1.02
CA THR A 365 -8.47 -6.39 0.66
C THR A 365 -7.14 -5.67 0.86
N TYR A 366 -6.38 -6.06 1.88
CA TYR A 366 -5.12 -5.38 2.20
C TYR A 366 -4.02 -6.39 2.45
N ILE A 367 -2.85 -6.14 1.86
CA ILE A 367 -1.63 -6.88 2.15
C ILE A 367 -0.49 -5.89 2.26
N HIS A 368 0.51 -6.23 3.08
CA HIS A 368 1.66 -5.35 3.26
C HIS A 368 2.83 -6.17 3.77
N VAL A 369 3.97 -6.05 3.12
CA VAL A 369 5.21 -6.67 3.58
C VAL A 369 5.89 -5.69 4.53
N HIS A 370 5.94 -6.06 5.81
CA HIS A 370 6.46 -5.18 6.84
C HIS A 370 7.89 -5.59 7.20
N ASP A 371 8.83 -4.68 6.98
CA ASP A 371 10.24 -4.86 7.35
C ASP A 371 10.81 -6.16 6.80
N GLY A 372 10.38 -6.53 5.60
CA GLY A 372 10.93 -7.67 4.89
C GLY A 372 10.43 -9.04 5.31
N LYS A 373 10.22 -9.26 6.60
CA LYS A 373 9.97 -10.62 7.11
C LYS A 373 8.51 -10.90 7.43
N TYR A 374 7.66 -9.89 7.52
CA TYR A 374 6.26 -10.07 7.88
C TYR A 374 5.35 -9.73 6.71
N LEU A 375 4.29 -10.51 6.56
CA LEU A 375 3.18 -10.18 5.65
C LEU A 375 1.94 -9.92 6.50
N LEU A 376 1.48 -8.68 6.51
CA LEU A 376 0.21 -8.33 7.14
C LEU A 376 -0.92 -8.56 6.14
N GLN A 377 -1.97 -9.25 6.59
CA GLN A 377 -3.08 -9.60 5.71
C GLN A 377 -4.40 -9.37 6.42
N GLY A 378 -5.35 -8.76 5.71
CA GLY A 378 -6.68 -8.54 6.21
C GLY A 378 -7.67 -8.26 5.09
N GLY A 379 -8.89 -8.77 5.21
CA GLY A 379 -9.86 -8.60 4.15
C GLY A 379 -11.29 -8.89 4.56
N LEU A 380 -12.04 -9.56 3.68
CA LEU A 380 -13.48 -9.68 3.86
C LEU A 380 -13.86 -10.72 4.92
N ASP A 381 -13.00 -11.70 5.20
CA ASP A 381 -13.34 -12.73 6.17
C ASP A 381 -13.06 -12.32 7.61
N ARG A 382 -12.63 -11.08 7.84
CA ARG A 382 -12.63 -10.41 9.14
C ARG A 382 -11.59 -10.94 10.12
N TYR A 383 -10.61 -11.71 9.66
CA TYR A 383 -9.48 -12.12 10.47
C TYR A 383 -8.25 -11.32 10.07
N VAL A 384 -7.58 -10.72 11.04
CA VAL A 384 -6.27 -10.10 10.80
C VAL A 384 -5.21 -11.18 10.94
N ARG A 385 -4.33 -11.27 9.95
CA ARG A 385 -3.35 -12.34 9.88
C ARG A 385 -1.94 -11.78 9.71
N ILE A 386 -0.97 -12.46 10.31
CA ILE A 386 0.44 -12.18 10.13
C ILE A 386 1.11 -13.47 9.67
N PHE A 387 1.79 -13.41 8.53
CA PHE A 387 2.51 -14.55 7.99
C PHE A 387 4.01 -14.31 8.03
N ASP A 388 4.77 -15.39 8.17
CA ASP A 388 6.21 -15.32 8.01
C ASP A 388 6.55 -15.42 6.52
N ILE A 389 7.40 -14.51 6.04
CA ILE A 389 7.68 -14.45 4.61
C ILE A 389 8.46 -15.67 4.16
N LYS A 390 9.52 -16.03 4.89
CA LYS A 390 10.41 -17.09 4.44
C LYS A 390 9.73 -18.45 4.49
N THR A 391 9.05 -18.76 5.59
CA THR A 391 8.46 -20.08 5.79
C THR A 391 7.00 -20.17 5.37
N ASN A 392 6.36 -19.05 5.01
CA ASN A 392 4.95 -19.00 4.63
C ASN A 392 4.03 -19.43 5.77
N LYS A 393 4.52 -19.39 7.01
CA LYS A 393 3.76 -19.88 8.17
C LYS A 393 2.92 -18.76 8.77
N MET A 394 1.67 -19.08 9.08
CA MET A 394 0.76 -18.13 9.71
C MET A 394 1.11 -18.01 11.18
N LEU A 395 1.53 -16.81 11.60
CA LEU A 395 1.95 -16.59 12.98
C LEU A 395 0.83 -16.06 13.86
N VAL A 396 -0.09 -15.27 13.31
CA VAL A 396 -1.16 -14.63 14.08
C VAL A 396 -2.45 -14.70 13.28
N LYS A 397 -3.53 -15.04 13.95
CA LYS A 397 -4.87 -15.01 13.36
C LYS A 397 -5.84 -14.56 14.44
N VAL A 398 -6.45 -13.38 14.25
CA VAL A 398 -7.31 -12.78 15.25
C VAL A 398 -8.58 -12.28 14.57
N TYR A 399 -9.73 -12.75 15.04
CA TYR A 399 -11.00 -12.25 14.55
C TYR A 399 -11.25 -10.85 15.09
N VAL A 400 -11.53 -9.89 14.21
CA VAL A 400 -11.79 -8.51 14.61
C VAL A 400 -13.23 -8.09 14.37
N GLY A 401 -14.08 -8.99 13.90
CA GLY A 401 -15.49 -8.70 13.79
C GLY A 401 -15.88 -7.68 12.74
N SER A 402 -15.00 -7.41 11.78
CA SER A 402 -15.29 -6.42 10.76
C SER A 402 -14.41 -6.66 9.55
N ARG A 403 -14.88 -6.20 8.39
CA ARG A 403 -14.05 -6.19 7.21
C ARG A 403 -12.83 -5.31 7.44
N ILE A 404 -11.69 -5.76 6.92
CA ILE A 404 -10.41 -5.08 7.13
C ILE A 404 -9.95 -4.50 5.79
N ASN A 405 -9.38 -3.30 5.84
CA ASN A 405 -8.79 -2.69 4.65
C ASN A 405 -7.43 -2.05 4.89
N PHE A 406 -6.91 -2.12 6.13
CA PHE A 406 -5.58 -1.58 6.41
C PHE A 406 -5.09 -2.11 7.74
N ILE A 407 -3.80 -2.43 7.81
CA ILE A 407 -3.13 -2.87 9.03
C ILE A 407 -1.76 -2.20 9.11
N VAL A 408 -1.33 -1.87 10.32
CA VAL A 408 0.04 -1.44 10.58
C VAL A 408 0.55 -2.19 11.81
N MET A 409 1.84 -2.53 11.78
CA MET A 409 2.49 -3.18 12.92
C MET A 409 3.31 -2.12 13.66
N LEU A 410 2.88 -1.80 14.88
CA LEU A 410 3.60 -0.82 15.69
C LEU A 410 4.89 -1.41 16.25
N ASP A 411 4.85 -2.66 16.70
CA ASP A 411 6.04 -3.37 17.15
C ASP A 411 5.76 -4.87 17.10
N ASP A 412 6.82 -5.65 17.25
CA ASP A 412 6.72 -7.11 17.24
C ASP A 412 7.24 -7.70 18.55
N VAL A 413 7.12 -6.96 19.65
CA VAL A 413 7.66 -7.37 20.93
C VAL A 413 6.74 -8.40 21.56
N GLU A 414 7.32 -9.51 22.03
CA GLU A 414 6.56 -10.53 22.73
C GLU A 414 6.27 -10.08 24.16
N ILE A 415 5.04 -10.35 24.61
CA ILE A 415 4.61 -10.00 25.96
C ILE A 415 4.88 -11.19 26.88
N GLU A 416 5.55 -10.93 27.99
CA GLU A 416 5.84 -11.97 28.98
C GLU A 416 5.40 -11.53 30.38
#